data_7XHR
#
_entry.id   7XHR
#
_cell.length_a   103.610
_cell.length_b   103.610
_cell.length_c   103.610
_cell.angle_alpha   90.000
_cell.angle_beta   90.000
_cell.angle_gamma   90.000
#
_symmetry.space_group_name_H-M   'I 2 3'
#
loop_
_entity.id
_entity.type
_entity.pdbx_description
1 polymer Polyhedrin
2 non-polymer 'ACETYL GROUP'
3 non-polymer 'CHLORIDE ION'
4 water water
#
_entity_poly.entity_id   1
_entity_poly.type   'polypeptide(L)'
_entity_poly.pdbx_seq_one_letter_code
;ADVAGTSNRDFRGREQRLFNSEQYNYNNSLNGEVSVWVYAYYSDGSVLVINKNSQYKVGISETFKALKEYREGQHNDSYD
EYEVNQSIYYPNGGDARKFHSNAKPRAIQIIFSPSVNVRTIKMAKGNAVSVPDEYLQRSHPWEATGIKYRKIKRDGEIVG
YSHYFELPHEYNSISLAVSGVHKNPSSYNVGSAHNVMDVFQSCDLALRFCNRYWAELELVNHYISPNAYPYLDINNHSYG
VALSNRQ
;
_entity_poly.pdbx_strand_id   A
#
loop_
_chem_comp.id
_chem_comp.type
_chem_comp.name
_chem_comp.formula
ACE non-polymer 'ACETYL GROUP' 'C2 H4 O'
CL non-polymer 'CHLORIDE ION' 'Cl -1'
#
# COMPACT_ATOMS: atom_id res chain seq x y z
N ALA A 1 -5.33 -26.83 40.57
CA ALA A 1 -5.96 -25.94 39.57
C ALA A 1 -6.90 -26.76 38.65
N ASP A 2 -7.87 -26.12 38.01
CA ASP A 2 -8.69 -26.76 36.94
C ASP A 2 -7.76 -27.24 35.82
N VAL A 3 -8.24 -28.19 35.03
CA VAL A 3 -7.45 -28.78 33.92
C VAL A 3 -7.62 -27.85 32.71
N ALA A 4 -6.55 -27.72 31.90
CA ALA A 4 -6.51 -26.85 30.71
C ALA A 4 -7.67 -27.21 29.75
N GLY A 5 -8.37 -26.19 29.23
CA GLY A 5 -9.29 -26.37 28.10
C GLY A 5 -10.56 -27.11 28.49
N THR A 6 -10.96 -27.03 29.78
CA THR A 6 -12.16 -27.73 30.34
C THR A 6 -13.12 -26.78 31.09
N SER A 7 -12.74 -25.53 31.36
CA SER A 7 -13.53 -24.60 32.23
C SER A 7 -13.29 -23.13 31.90
N ASN A 8 -14.07 -22.24 32.54
CA ASN A 8 -13.94 -20.76 32.51
C ASN A 8 -12.76 -20.29 33.37
N ARG A 9 -12.06 -21.20 34.05
CA ARG A 9 -10.85 -20.86 34.86
C ARG A 9 -9.55 -21.06 34.06
N ASP A 10 -9.60 -21.21 32.72
CA ASP A 10 -8.38 -21.23 31.87
C ASP A 10 -7.97 -19.77 31.61
N PHE A 11 -7.30 -19.16 32.60
CA PHE A 11 -6.90 -17.73 32.55
C PHE A 11 -5.83 -17.57 31.47
N ARG A 12 -4.92 -18.53 31.30
CA ARG A 12 -3.92 -18.53 30.19
C ARG A 12 -4.68 -18.41 28.86
N GLY A 13 -5.77 -19.16 28.71
CA GLY A 13 -6.61 -19.15 27.51
C GLY A 13 -7.29 -17.79 27.28
N ARG A 14 -7.88 -17.23 28.34
CA ARG A 14 -8.64 -15.95 28.29
C ARG A 14 -7.67 -14.80 27.98
N GLU A 15 -6.50 -14.81 28.60
CA GLU A 15 -5.47 -13.77 28.39
C GLU A 15 -4.92 -13.85 26.96
N GLN A 16 -4.76 -15.05 26.41
CA GLN A 16 -4.27 -15.19 25.01
C GLN A 16 -5.31 -14.52 24.08
N ARG A 17 -6.57 -14.76 24.32
CA ARG A 17 -7.66 -14.23 23.44
C ARG A 17 -7.71 -12.70 23.60
N LEU A 18 -7.57 -12.21 24.82
CA LEU A 18 -7.62 -10.75 25.08
C LEU A 18 -6.40 -10.08 24.42
N PHE A 19 -5.23 -10.71 24.49
CA PHE A 19 -3.96 -10.17 23.93
C PHE A 19 -4.15 -9.89 22.44
N ASN A 20 -4.73 -10.84 21.71
CA ASN A 20 -5.01 -10.72 20.25
C ASN A 20 -6.13 -9.69 20.03
N SER A 21 -7.20 -9.72 20.81
CA SER A 21 -8.33 -8.77 20.66
C SER A 21 -7.85 -7.32 20.87
N GLU A 22 -7.02 -7.11 21.88
CA GLU A 22 -6.46 -5.78 22.24
C GLU A 22 -5.61 -5.24 21.07
N GLN A 23 -4.85 -6.08 20.38
CA GLN A 23 -4.05 -5.65 19.20
C GLN A 23 -5.00 -5.20 18.08
N TYR A 24 -5.94 -6.06 17.72
CA TYR A 24 -6.96 -5.73 16.70
C TYR A 24 -7.62 -4.36 16.99
N ASN A 25 -8.10 -4.21 18.22
CA ASN A 25 -8.91 -3.03 18.61
C ASN A 25 -8.01 -1.80 18.76
N TYR A 26 -6.79 -1.92 19.28
CA TYR A 26 -5.86 -0.76 19.42
C TYR A 26 -5.59 -0.13 18.04
N ASN A 27 -5.40 -0.99 17.03
CA ASN A 27 -5.09 -0.54 15.65
C ASN A 27 -6.25 0.33 15.15
N ASN A 28 -7.50 -0.03 15.49
CA ASN A 28 -8.73 0.69 15.05
C ASN A 28 -9.01 1.91 15.94
N SER A 29 -8.31 2.11 17.06
CA SER A 29 -8.46 3.31 17.93
C SER A 29 -7.84 4.52 17.21
N LEU A 30 -8.12 5.73 17.68
CA LEU A 30 -7.53 6.95 17.08
C LEU A 30 -6.05 7.03 17.48
N ASN A 31 -5.62 6.21 18.45
CA ASN A 31 -4.21 6.10 18.89
C ASN A 31 -3.44 5.23 17.91
N GLY A 32 -4.12 4.49 17.02
CA GLY A 32 -3.49 3.41 16.22
C GLY A 32 -3.01 3.83 14.85
N GLU A 33 -2.24 2.95 14.21
CA GLU A 33 -1.62 3.21 12.90
C GLU A 33 -2.68 3.07 11.81
N VAL A 34 -2.47 3.75 10.68
CA VAL A 34 -3.11 3.37 9.39
C VAL A 34 -1.98 3.28 8.36
N SER A 35 -2.01 2.24 7.54
CA SER A 35 -0.83 1.87 6.73
C SER A 35 -1.29 1.66 5.30
N VAL A 36 -0.45 2.07 4.37
CA VAL A 36 -0.67 1.81 2.93
C VAL A 36 0.61 1.18 2.38
N TRP A 37 0.42 0.30 1.41
CA TRP A 37 1.49 -0.31 0.62
C TRP A 37 1.17 -0.12 -0.86
N VAL A 38 2.17 0.24 -1.65
CA VAL A 38 2.13 0.19 -3.14
C VAL A 38 3.16 -0.84 -3.56
N TYR A 39 2.69 -1.83 -4.32
CA TYR A 39 3.54 -2.87 -4.94
C TYR A 39 3.61 -2.57 -6.43
N ALA A 40 4.83 -2.36 -6.95
CA ALA A 40 5.08 -2.24 -8.40
C ALA A 40 5.72 -3.53 -8.87
N TYR A 41 5.04 -4.26 -9.76
CA TYR A 41 5.45 -5.56 -10.31
C TYR A 41 6.21 -5.37 -11.63
N TYR A 42 7.42 -5.92 -11.72
CA TYR A 42 8.24 -5.81 -12.96
C TYR A 42 8.24 -7.14 -13.72
N SER A 43 8.55 -7.07 -15.03
CA SER A 43 8.57 -8.25 -15.93
C SER A 43 9.63 -9.28 -15.50
N ASP A 44 10.72 -8.90 -14.84
CA ASP A 44 11.73 -9.88 -14.34
C ASP A 44 11.23 -10.59 -13.07
N GLY A 45 9.97 -10.35 -12.65
CA GLY A 45 9.37 -11.00 -11.49
C GLY A 45 9.70 -10.30 -10.17
N SER A 46 10.53 -9.26 -10.18
CA SER A 46 10.86 -8.49 -8.95
C SER A 46 9.69 -7.58 -8.59
N VAL A 47 9.65 -7.13 -7.35
CA VAL A 47 8.54 -6.30 -6.81
C VAL A 47 9.13 -5.21 -5.94
N LEU A 48 8.89 -3.95 -6.32
CA LEU A 48 9.15 -2.78 -5.45
C LEU A 48 7.98 -2.65 -4.49
N VAL A 49 8.25 -2.58 -3.20
CA VAL A 49 7.24 -2.24 -2.16
C VAL A 49 7.63 -0.87 -1.63
N ILE A 50 6.65 0.04 -1.59
CA ILE A 50 6.69 1.32 -0.82
C ILE A 50 5.62 1.21 0.25
N ASN A 51 6.00 1.44 1.50
CA ASN A 51 5.08 1.36 2.66
C ASN A 51 5.15 2.69 3.40
N LYS A 52 4.02 3.15 3.91
CA LYS A 52 4.03 4.30 4.85
C LYS A 52 3.07 3.95 5.99
N ASN A 53 3.49 4.24 7.23
CA ASN A 53 2.73 3.94 8.48
C ASN A 53 2.58 5.25 9.25
N SER A 54 1.36 5.66 9.51
CA SER A 54 1.15 6.93 10.25
C SER A 54 -0.15 6.89 11.04
N GLN A 55 -0.26 7.78 12.00
CA GLN A 55 -1.51 8.06 12.74
C GLN A 55 -2.41 8.93 11.84
N TYR A 56 -3.73 8.78 11.99
CA TYR A 56 -4.81 9.67 11.48
C TYR A 56 -5.06 9.50 9.97
N LYS A 57 -4.01 9.54 9.15
CA LYS A 57 -4.09 9.51 7.68
C LYS A 57 -2.73 9.10 7.13
N VAL A 58 -2.68 8.61 5.89
CA VAL A 58 -1.43 8.11 5.28
C VAL A 58 -1.54 8.14 3.76
N GLY A 59 -0.42 8.30 3.08
CA GLY A 59 -0.38 8.27 1.62
C GLY A 59 1.02 8.07 1.10
N ILE A 60 1.10 7.84 -0.20
CA ILE A 60 2.34 7.63 -0.99
C ILE A 60 2.12 8.38 -2.29
N SER A 61 3.12 9.09 -2.76
CA SER A 61 3.08 9.81 -4.06
C SER A 61 4.39 9.55 -4.77
N GLU A 62 4.37 9.00 -5.97
CA GLU A 62 5.58 8.66 -6.74
C GLU A 62 5.41 9.15 -8.17
N THR A 63 6.53 9.62 -8.77
CA THR A 63 6.61 10.04 -10.19
C THR A 63 6.67 8.78 -11.03
N PHE A 64 6.52 8.94 -12.34
CA PHE A 64 6.71 7.88 -13.36
C PHE A 64 8.10 7.26 -13.17
N LYS A 65 9.11 8.12 -13.11
CA LYS A 65 10.54 7.72 -13.05
C LYS A 65 10.81 6.89 -11.79
N ALA A 66 10.22 7.29 -10.65
CA ALA A 66 10.52 6.66 -9.32
C ALA A 66 9.92 5.26 -9.26
N LEU A 67 8.85 4.99 -10.03
CA LEU A 67 8.19 3.67 -10.05
C LEU A 67 8.96 2.72 -10.99
N LYS A 68 9.87 3.23 -11.83
CA LYS A 68 10.63 2.31 -12.72
C LYS A 68 11.57 1.42 -11.89
N GLU A 69 11.82 0.21 -12.36
CA GLU A 69 12.74 -0.74 -11.68
C GLU A 69 14.12 -0.08 -11.55
N TYR A 70 14.67 -0.13 -10.32
CA TYR A 70 16.07 0.22 -10.01
C TYR A 70 16.72 -0.95 -9.27
N ARG A 71 17.81 -1.49 -9.82
CA ARG A 71 18.55 -2.62 -9.21
C ARG A 71 19.76 -2.04 -8.49
N GLU A 72 19.69 -1.91 -7.17
CA GLU A 72 20.82 -1.40 -6.34
C GLU A 72 22.08 -2.23 -6.61
N GLY A 73 23.19 -1.54 -6.91
CA GLY A 73 24.51 -2.15 -7.10
C GLY A 73 24.62 -3.01 -8.36
N GLN A 74 23.72 -2.86 -9.35
CA GLN A 74 23.83 -3.51 -10.69
C GLN A 74 23.71 -2.44 -11.78
N HIS A 75 24.05 -2.78 -13.03
CA HIS A 75 23.87 -1.91 -14.23
C HIS A 75 22.38 -1.67 -14.45
N ASN A 76 21.98 -0.45 -14.83
CA ASN A 76 20.55 -0.07 -15.01
C ASN A 76 20.30 0.61 -16.37
N ASP A 77 21.27 0.63 -17.30
CA ASP A 77 21.08 1.30 -18.62
C ASP A 77 20.75 2.77 -18.35
N SER A 78 21.38 3.39 -17.35
CA SER A 78 20.93 4.68 -16.78
C SER A 78 20.86 5.76 -17.87
N TYR A 79 21.79 5.78 -18.84
CA TYR A 79 21.74 6.79 -19.92
C TYR A 79 20.55 6.49 -20.86
N ASP A 80 20.40 5.24 -21.31
CA ASP A 80 19.28 4.83 -22.21
C ASP A 80 17.93 5.08 -21.50
N GLU A 81 17.87 4.95 -20.18
CA GLU A 81 16.60 5.03 -19.41
C GLU A 81 16.21 6.51 -19.25
N TYR A 82 17.18 7.43 -19.20
CA TYR A 82 16.95 8.90 -19.37
C TYR A 82 16.26 9.11 -20.74
N GLU A 83 16.82 8.56 -21.82
CA GLU A 83 16.23 8.68 -23.19
C GLU A 83 14.83 8.05 -23.22
N VAL A 84 14.61 6.93 -22.54
CA VAL A 84 13.27 6.28 -22.47
C VAL A 84 12.27 7.29 -21.88
N ASN A 85 12.65 7.89 -20.75
CA ASN A 85 11.84 8.92 -20.05
C ASN A 85 11.48 10.03 -21.05
N GLN A 86 12.42 10.53 -21.85
CA GLN A 86 12.12 11.65 -22.77
C GLN A 86 11.06 11.18 -23.80
N SER A 87 11.12 9.93 -24.25
CA SER A 87 10.22 9.40 -25.29
C SER A 87 8.84 9.05 -24.69
N ILE A 88 8.77 8.84 -23.36
CA ILE A 88 7.48 8.62 -22.64
C ILE A 88 6.79 9.96 -22.37
N TYR A 89 7.55 11.01 -22.04
CA TYR A 89 7.01 12.33 -21.67
C TYR A 89 6.34 12.99 -22.89
N TYR A 90 6.89 12.73 -24.07
CA TYR A 90 6.40 13.29 -25.37
C TYR A 90 6.70 12.28 -26.48
N PRO A 91 5.73 11.93 -27.34
CA PRO A 91 5.96 10.92 -28.38
C PRO A 91 7.14 11.37 -29.25
N ASN A 92 8.06 10.44 -29.49
CA ASN A 92 9.27 10.67 -30.34
C ASN A 92 10.13 11.78 -29.69
N GLY A 93 10.07 11.93 -28.36
CA GLY A 93 10.84 12.96 -27.63
C GLY A 93 12.27 12.51 -27.30
N GLY A 94 12.58 11.23 -27.49
CA GLY A 94 13.85 10.67 -27.00
C GLY A 94 14.62 9.95 -28.08
N ASP A 95 15.77 9.40 -27.70
CA ASP A 95 16.68 8.70 -28.64
C ASP A 95 17.11 7.43 -27.94
N ALA A 96 16.16 6.65 -27.46
CA ALA A 96 16.42 5.37 -26.76
C ALA A 96 16.71 4.26 -27.79
N ARG A 97 17.38 3.19 -27.37
CA ARG A 97 17.76 2.06 -28.26
C ARG A 97 16.81 0.87 -28.02
N LYS A 98 15.59 1.11 -27.55
CA LYS A 98 14.62 0.03 -27.23
C LYS A 98 13.20 0.56 -27.40
N PHE A 99 12.27 -0.34 -27.76
CA PHE A 99 10.84 -0.06 -27.98
C PHE A 99 10.09 0.04 -26.63
N HIS A 100 10.39 -0.93 -25.73
CA HIS A 100 9.77 -1.10 -24.40
C HIS A 100 10.85 -1.27 -23.33
N SER A 101 10.87 -0.36 -22.34
CA SER A 101 11.70 -0.49 -21.12
C SER A 101 11.13 -1.58 -20.23
N ASN A 102 11.92 -2.61 -19.93
CA ASN A 102 11.54 -3.67 -18.96
C ASN A 102 11.57 -3.11 -17.52
N ALA A 103 12.02 -1.87 -17.30
CA ALA A 103 11.93 -1.24 -15.96
C ALA A 103 10.50 -0.72 -15.70
N LYS A 104 9.64 -0.60 -16.72
CA LYS A 104 8.25 -0.10 -16.53
C LYS A 104 7.46 -1.14 -15.74
N PRO A 105 6.68 -0.72 -14.73
CA PRO A 105 5.86 -1.66 -13.99
C PRO A 105 4.83 -2.31 -14.93
N ARG A 106 4.57 -3.59 -14.71
CA ARG A 106 3.54 -4.39 -15.42
C ARG A 106 2.23 -4.36 -14.65
N ALA A 107 2.25 -4.00 -13.36
CA ALA A 107 1.02 -3.94 -12.54
C ALA A 107 1.31 -3.20 -11.24
N ILE A 108 0.24 -2.76 -10.57
CA ILE A 108 0.27 -2.06 -9.26
C ILE A 108 -0.75 -2.75 -8.36
N GLN A 109 -0.37 -3.11 -7.15
CA GLN A 109 -1.34 -3.45 -6.08
C GLN A 109 -1.21 -2.40 -4.99
N ILE A 110 -2.33 -1.83 -4.58
CA ILE A 110 -2.45 -0.90 -3.42
C ILE A 110 -3.13 -1.70 -2.33
N ILE A 111 -2.49 -1.74 -1.16
CA ILE A 111 -3.09 -2.39 0.01
C ILE A 111 -3.17 -1.37 1.15
N PHE A 112 -4.31 -1.34 1.83
CA PHE A 112 -4.50 -0.60 3.09
C PHE A 112 -4.69 -1.58 4.24
N SER A 113 -4.19 -1.17 5.40
CA SER A 113 -4.48 -1.84 6.69
C SER A 113 -5.99 -1.84 6.95
N PRO A 114 -6.47 -2.75 7.82
CA PRO A 114 -7.89 -2.82 8.13
C PRO A 114 -8.39 -1.64 8.99
N SER A 115 -7.48 -0.79 9.47
CA SER A 115 -7.79 0.46 10.23
C SER A 115 -8.16 1.62 9.31
N VAL A 116 -8.08 1.48 7.97
CA VAL A 116 -8.49 2.55 7.02
C VAL A 116 -10.02 2.58 7.03
N ASN A 117 -10.59 3.75 6.76
CA ASN A 117 -12.00 3.83 6.30
C ASN A 117 -11.95 3.80 4.76
N VAL A 118 -12.53 2.77 4.15
CA VAL A 118 -12.46 2.55 2.68
C VAL A 118 -13.10 3.73 1.93
N ARG A 119 -14.13 4.34 2.48
CA ARG A 119 -14.85 5.48 1.83
C ARG A 119 -13.93 6.70 1.75
N THR A 120 -12.82 6.76 2.50
CA THR A 120 -11.91 7.94 2.47
C THR A 120 -10.80 7.77 1.42
N ILE A 121 -10.64 6.57 0.87
CA ILE A 121 -9.48 6.29 -0.01
C ILE A 121 -9.60 7.17 -1.26
N LYS A 122 -8.49 7.75 -1.67
CA LYS A 122 -8.41 8.62 -2.87
C LYS A 122 -7.15 8.23 -3.64
N MET A 123 -7.24 8.23 -4.96
CA MET A 123 -6.08 7.91 -5.83
C MET A 123 -5.95 8.97 -6.92
N ALA A 124 -4.72 9.44 -7.16
CA ALA A 124 -4.36 10.29 -8.30
C ALA A 124 -3.46 9.43 -9.20
N LYS A 125 -4.04 8.83 -10.23
CA LYS A 125 -3.30 8.03 -11.23
C LYS A 125 -3.08 8.98 -12.39
N GLY A 126 -1.88 9.55 -12.47
CA GLY A 126 -1.52 10.54 -13.49
C GLY A 126 -0.93 9.89 -14.73
N ASN A 127 -0.78 10.68 -15.77
CA ASN A 127 0.07 10.38 -16.96
C ASN A 127 1.54 10.57 -16.57
N ALA A 128 2.46 10.39 -17.52
CA ALA A 128 3.89 10.27 -17.19
C ALA A 128 4.49 11.64 -16.80
N VAL A 129 3.78 12.75 -17.06
CA VAL A 129 4.21 14.14 -16.67
C VAL A 129 3.37 14.65 -15.48
N SER A 130 2.68 13.75 -14.79
CA SER A 130 2.11 13.93 -13.43
C SER A 130 0.91 14.88 -13.48
N VAL A 131 0.08 14.71 -14.51
CA VAL A 131 -1.25 15.38 -14.66
C VAL A 131 -2.33 14.32 -14.47
N PRO A 132 -3.26 14.48 -13.50
CA PRO A 132 -4.29 13.45 -13.27
C PRO A 132 -5.18 13.02 -14.45
N ASP A 133 -5.60 13.95 -15.31
CA ASP A 133 -6.63 13.67 -16.36
C ASP A 133 -6.37 14.53 -17.61
N GLU A 134 -5.33 14.19 -18.37
CA GLU A 134 -5.03 14.71 -19.73
C GLU A 134 -4.45 16.14 -19.66
N TYR A 135 -5.19 17.10 -19.08
CA TYR A 135 -4.72 18.50 -18.89
C TYR A 135 -5.12 18.94 -17.49
N LEU A 136 -4.26 19.73 -16.86
CA LEU A 136 -4.51 20.24 -15.48
C LEU A 136 -5.86 20.96 -15.41
N GLN A 137 -6.20 21.72 -16.45
CA GLN A 137 -7.40 22.61 -16.48
C GLN A 137 -8.67 21.78 -16.19
N ARG A 138 -8.75 20.55 -16.66
CA ARG A 138 -9.96 19.68 -16.58
C ARG A 138 -9.75 18.52 -15.58
N SER A 139 -8.66 18.51 -14.81
CA SER A 139 -8.31 17.43 -13.83
C SER A 139 -8.99 17.66 -12.47
N HIS A 140 -9.82 16.71 -12.02
CA HIS A 140 -10.11 16.54 -10.57
C HIS A 140 -8.86 15.92 -9.97
N PRO A 141 -8.30 16.42 -8.86
CA PRO A 141 -7.01 15.92 -8.40
C PRO A 141 -7.02 14.49 -7.82
N TRP A 142 -8.14 13.79 -7.85
CA TRP A 142 -8.21 12.42 -7.34
C TRP A 142 -9.50 11.77 -7.81
N GLU A 143 -9.56 10.45 -7.68
CA GLU A 143 -10.79 9.64 -7.75
C GLU A 143 -10.93 8.88 -6.42
N ALA A 144 -12.17 8.72 -5.95
CA ALA A 144 -12.50 7.91 -4.77
C ALA A 144 -12.81 6.48 -5.22
N THR A 145 -11.84 5.58 -5.09
CA THR A 145 -11.78 4.22 -5.67
C THR A 145 -12.16 3.15 -4.64
N GLY A 146 -12.64 3.53 -3.46
CA GLY A 146 -12.94 2.60 -2.36
C GLY A 146 -13.82 1.45 -2.80
N ILE A 147 -14.78 1.70 -3.68
CA ILE A 147 -15.74 0.67 -4.15
C ILE A 147 -14.99 -0.47 -4.84
N LYS A 148 -13.77 -0.23 -5.34
CA LYS A 148 -13.02 -1.24 -6.10
C LYS A 148 -12.16 -2.10 -5.17
N TYR A 149 -11.98 -1.70 -3.92
CA TYR A 149 -11.11 -2.43 -2.97
C TYR A 149 -11.78 -3.75 -2.57
N ARG A 150 -11.06 -4.85 -2.74
CA ARG A 150 -11.47 -6.19 -2.25
C ARG A 150 -11.01 -6.37 -0.80
N LYS A 151 -11.81 -7.10 -0.02
CA LYS A 151 -11.45 -7.51 1.35
C LYS A 151 -10.47 -8.67 1.32
N ILE A 152 -9.29 -8.48 1.88
CA ILE A 152 -8.33 -9.57 2.16
C ILE A 152 -8.80 -10.18 3.48
N LYS A 153 -9.18 -11.46 3.46
CA LYS A 153 -9.79 -12.13 4.63
C LYS A 153 -8.98 -13.37 5.00
N ARG A 154 -8.83 -13.60 6.30
CA ARG A 154 -8.26 -14.85 6.87
C ARG A 154 -9.18 -15.30 7.98
N ASP A 155 -9.61 -16.56 7.96
CA ASP A 155 -10.46 -17.15 9.03
C ASP A 155 -11.67 -16.22 9.25
N GLY A 156 -12.26 -15.68 8.18
CA GLY A 156 -13.46 -14.82 8.24
C GLY A 156 -13.19 -13.38 8.68
N GLU A 157 -11.95 -12.96 8.94
CA GLU A 157 -11.70 -11.59 9.41
C GLU A 157 -11.10 -10.79 8.25
N ILE A 158 -11.48 -9.51 8.11
CA ILE A 158 -10.82 -8.57 7.17
C ILE A 158 -9.44 -8.21 7.73
N VAL A 159 -8.37 -8.55 7.05
CA VAL A 159 -6.99 -8.25 7.51
C VAL A 159 -6.40 -7.13 6.66
N GLY A 160 -7.14 -6.67 5.65
CA GLY A 160 -6.68 -5.60 4.75
C GLY A 160 -7.59 -5.38 3.55
N TYR A 161 -7.26 -4.40 2.74
CA TYR A 161 -8.01 -4.04 1.51
C TYR A 161 -7.06 -3.91 0.33
N SER A 162 -7.44 -4.51 -0.80
CA SER A 162 -6.62 -4.59 -2.02
C SER A 162 -7.34 -3.95 -3.22
N HIS A 163 -6.66 -3.04 -3.92
CA HIS A 163 -6.97 -2.60 -5.30
C HIS A 163 -5.81 -2.96 -6.22
N TYR A 164 -6.08 -3.77 -7.24
CA TYR A 164 -5.06 -4.26 -8.20
C TYR A 164 -5.44 -3.83 -9.62
N PHE A 165 -4.47 -3.30 -10.35
CA PHE A 165 -4.67 -2.98 -11.80
C PHE A 165 -3.40 -3.32 -12.54
N GLU A 166 -3.57 -4.02 -13.65
CA GLU A 166 -2.46 -4.32 -14.59
C GLU A 166 -2.18 -3.10 -15.47
N LEU A 167 -0.95 -3.01 -15.95
CA LEU A 167 -0.46 -2.00 -16.92
C LEU A 167 0.14 -2.77 -18.11
N PRO A 168 -0.62 -3.61 -18.83
CA PRO A 168 -0.01 -4.51 -19.80
C PRO A 168 0.23 -3.90 -21.18
N HIS A 169 -0.28 -2.69 -21.41
CA HIS A 169 -0.21 -2.02 -22.74
C HIS A 169 0.98 -1.06 -22.78
N GLU A 170 1.47 -0.79 -23.97
CA GLU A 170 2.64 0.09 -24.18
C GLU A 170 2.30 1.49 -23.68
N TYR A 171 1.03 1.90 -23.80
CA TYR A 171 0.53 3.24 -23.37
C TYR A 171 0.20 3.29 -21.87
N ASN A 172 0.33 2.23 -21.07
CA ASN A 172 0.16 2.32 -19.59
C ASN A 172 1.44 2.88 -18.97
N SER A 173 1.58 4.20 -18.97
CA SER A 173 2.73 4.95 -18.39
C SER A 173 2.17 5.93 -17.36
N ILE A 174 2.39 5.66 -16.07
CA ILE A 174 1.69 6.37 -14.96
C ILE A 174 2.64 7.00 -13.93
N SER A 175 2.13 8.08 -13.31
CA SER A 175 2.55 8.62 -12.00
C SER A 175 1.44 8.21 -11.02
N LEU A 176 1.71 8.17 -9.72
CA LEU A 176 0.72 7.56 -8.79
C LEU A 176 0.82 8.17 -7.39
N ALA A 177 -0.32 8.59 -6.85
CA ALA A 177 -0.50 8.91 -5.42
C ALA A 177 -1.78 8.25 -4.93
N VAL A 178 -1.75 7.82 -3.70
CA VAL A 178 -2.90 7.20 -3.00
C VAL A 178 -2.89 7.70 -1.56
N SER A 179 -4.07 7.80 -0.97
CA SER A 179 -4.33 8.43 0.33
C SER A 179 -5.49 7.74 1.00
N GLY A 180 -5.38 7.47 2.29
CA GLY A 180 -6.54 7.07 3.10
C GLY A 180 -6.47 7.62 4.51
N VAL A 181 -7.64 7.68 5.14
CA VAL A 181 -7.85 8.25 6.49
C VAL A 181 -8.17 7.09 7.43
N HIS A 182 -7.59 7.12 8.63
CA HIS A 182 -7.87 6.15 9.70
C HIS A 182 -9.36 6.20 10.01
N LYS A 183 -9.98 5.04 10.18
CA LYS A 183 -11.34 4.91 10.75
C LYS A 183 -11.55 5.94 11.86
N ASN A 184 -12.72 6.56 11.89
CA ASN A 184 -13.11 7.44 13.02
C ASN A 184 -14.62 7.45 13.10
N PRO A 185 -15.21 6.45 13.81
CA PRO A 185 -16.66 6.37 13.94
C PRO A 185 -17.26 7.37 14.96
N SER A 186 -16.41 8.05 15.72
CA SER A 186 -16.76 9.07 16.75
C SER A 186 -17.12 10.41 16.09
N SER A 187 -17.59 11.36 16.89
CA SER A 187 -17.85 12.75 16.42
C SER A 187 -16.74 13.69 16.91
N TYR A 188 -15.61 13.12 17.39
CA TYR A 188 -14.35 13.86 17.67
C TYR A 188 -13.56 13.93 16.38
N ASN A 189 -13.56 15.07 15.71
CA ASN A 189 -12.79 15.26 14.45
C ASN A 189 -11.30 15.37 14.83
N VAL A 190 -10.45 14.47 14.35
CA VAL A 190 -9.01 14.46 14.74
C VAL A 190 -8.32 15.69 14.16
N GLY A 191 -8.96 16.37 13.19
CA GLY A 191 -8.48 17.61 12.54
C GLY A 191 -9.18 18.86 13.07
N SER A 192 -10.09 18.75 14.02
CA SER A 192 -10.66 19.92 14.73
C SER A 192 -9.54 20.69 15.43
N ALA A 193 -9.79 21.94 15.83
CA ALA A 193 -8.76 22.86 16.37
C ALA A 193 -8.01 22.19 17.54
N HIS A 194 -8.71 21.43 18.37
CA HIS A 194 -8.08 20.80 19.57
C HIS A 194 -6.88 19.94 19.15
N ASN A 195 -6.97 19.20 18.04
CA ASN A 195 -5.99 18.12 17.75
C ASN A 195 -5.28 18.37 16.40
N VAL A 196 -5.60 19.43 15.68
CA VAL A 196 -5.09 19.65 14.30
C VAL A 196 -3.56 19.68 14.33
N MET A 197 -2.93 20.29 15.33
CA MET A 197 -1.44 20.36 15.35
C MET A 197 -0.87 18.95 15.57
N ASP A 198 -1.59 18.04 16.21
CA ASP A 198 -1.14 16.63 16.33
C ASP A 198 -1.19 15.96 14.96
N VAL A 199 -2.17 16.32 14.12
CA VAL A 199 -2.22 15.74 12.74
C VAL A 199 -1.03 16.28 11.94
N PHE A 200 -0.72 17.58 12.04
CA PHE A 200 0.50 18.15 11.41
C PHE A 200 1.76 17.38 11.87
N GLN A 201 1.91 17.11 13.16
CA GLN A 201 3.05 16.31 13.68
C GLN A 201 3.02 14.89 13.08
N SER A 202 1.83 14.27 12.91
CA SER A 202 1.72 12.91 12.31
C SER A 202 2.35 12.86 10.91
N CYS A 203 2.23 13.94 10.11
CA CYS A 203 2.81 14.03 8.75
C CYS A 203 4.33 13.90 8.87
N ASP A 204 4.92 14.53 9.89
CA ASP A 204 6.38 14.47 10.11
C ASP A 204 6.79 13.13 10.73
N LEU A 205 5.92 12.51 11.52
CA LEU A 205 6.27 11.26 12.26
C LEU A 205 6.02 9.99 11.43
N ALA A 206 5.32 10.08 10.33
CA ALA A 206 5.05 8.95 9.41
C ALA A 206 6.40 8.29 9.06
N LEU A 207 6.45 6.96 9.15
CA LEU A 207 7.65 6.17 8.79
C LEU A 207 7.45 5.55 7.41
N ARG A 208 8.48 5.61 6.60
CA ARG A 208 8.46 5.11 5.21
C ARG A 208 9.39 3.90 5.14
N PHE A 209 9.07 2.98 4.24
CA PHE A 209 9.92 1.82 3.92
C PHE A 209 9.87 1.59 2.40
N CYS A 210 11.02 1.29 1.78
CA CYS A 210 11.11 1.01 0.33
CA CYS A 210 11.00 0.87 0.37
C CYS A 210 12.14 -0.12 0.11
N ASN A 211 11.84 -1.07 -0.76
CA ASN A 211 12.79 -2.16 -1.08
C ASN A 211 12.30 -2.89 -2.33
N ARG A 212 13.23 -3.37 -3.15
CA ARG A 212 12.92 -4.26 -4.30
C ARG A 212 13.24 -5.69 -3.85
N TYR A 213 12.25 -6.57 -3.84
CA TYR A 213 12.39 -8.04 -3.62
C TYR A 213 12.47 -8.74 -4.98
N TRP A 214 13.20 -9.84 -5.05
CA TRP A 214 13.51 -10.53 -6.33
C TRP A 214 12.29 -11.27 -6.87
N ALA A 215 11.38 -11.70 -6.00
CA ALA A 215 10.23 -12.53 -6.42
C ALA A 215 9.07 -12.33 -5.46
N GLU A 216 7.85 -12.61 -5.93
CA GLU A 216 6.68 -12.58 -5.04
C GLU A 216 6.93 -13.56 -3.89
N LEU A 217 7.56 -14.71 -4.15
CA LEU A 217 7.84 -15.70 -3.06
C LEU A 217 8.68 -15.06 -1.94
N GLU A 218 9.72 -14.32 -2.29
CA GLU A 218 10.61 -13.65 -1.32
C GLU A 218 9.85 -12.55 -0.57
N LEU A 219 8.99 -11.83 -1.29
CA LEU A 219 8.11 -10.81 -0.69
C LEU A 219 7.21 -11.49 0.35
N VAL A 220 6.56 -12.60 0.00
CA VAL A 220 5.63 -13.27 0.94
C VAL A 220 6.41 -13.76 2.17
N ASN A 221 7.57 -14.36 1.94
CA ASN A 221 8.33 -15.06 3.00
C ASN A 221 8.99 -14.04 3.92
N HIS A 222 9.57 -12.99 3.36
CA HIS A 222 10.52 -12.14 4.14
C HIS A 222 9.99 -10.75 4.41
N TYR A 223 8.87 -10.38 3.79
CA TYR A 223 8.30 -9.02 3.98
C TYR A 223 6.88 -9.13 4.60
N ILE A 224 5.97 -9.84 3.94
CA ILE A 224 4.54 -9.92 4.35
C ILE A 224 4.43 -10.71 5.66
N SER A 225 4.93 -11.93 5.66
CA SER A 225 4.67 -12.93 6.73
C SER A 225 5.35 -12.54 8.04
N PRO A 226 6.65 -12.21 8.05
CA PRO A 226 7.31 -11.87 9.31
C PRO A 226 6.68 -10.68 10.05
N ASN A 227 6.02 -9.77 9.34
CA ASN A 227 5.52 -8.49 9.92
C ASN A 227 4.00 -8.55 10.13
N ALA A 228 3.36 -9.68 9.85
CA ALA A 228 1.91 -9.88 10.05
C ALA A 228 1.15 -8.89 9.18
N TYR A 229 1.66 -8.66 7.96
CA TYR A 229 1.03 -7.77 6.95
C TYR A 229 0.02 -8.54 6.11
N PRO A 230 -1.03 -7.85 5.63
CA PRO A 230 -1.97 -8.46 4.70
C PRO A 230 -1.39 -8.48 3.28
N TYR A 231 -1.82 -9.44 2.45
CA TYR A 231 -1.33 -9.55 1.06
C TYR A 231 -2.29 -10.42 0.24
N LEU A 232 -2.24 -10.22 -1.07
CA LEU A 232 -3.02 -11.00 -2.06
C LEU A 232 -2.04 -11.35 -3.18
N ASP A 233 -1.75 -12.63 -3.42
CA ASP A 233 -0.71 -13.04 -4.40
C ASP A 233 -1.36 -13.20 -5.77
N ILE A 234 -0.54 -13.50 -6.78
CA ILE A 234 -1.01 -13.56 -8.19
C ILE A 234 -2.09 -14.66 -8.31
N ASN A 235 -2.05 -15.67 -7.44
CA ASN A 235 -3.03 -16.79 -7.48
C ASN A 235 -4.25 -16.51 -6.59
N ASN A 236 -4.45 -15.27 -6.19
CA ASN A 236 -5.67 -14.85 -5.44
C ASN A 236 -5.65 -15.45 -4.04
N HIS A 237 -4.48 -15.83 -3.51
CA HIS A 237 -4.36 -16.40 -2.15
C HIS A 237 -4.17 -15.25 -1.16
N SER A 238 -4.95 -15.23 -0.08
CA SER A 238 -4.93 -14.18 0.98
C SER A 238 -3.91 -14.54 2.07
N TYR A 239 -3.10 -13.57 2.50
CA TYR A 239 -2.16 -13.67 3.64
C TYR A 239 -2.49 -12.62 4.70
N GLY A 240 -2.23 -12.96 5.95
CA GLY A 240 -2.42 -12.06 7.10
C GLY A 240 -2.82 -12.86 8.32
N VAL A 241 -3.00 -12.21 9.47
CA VAL A 241 -3.31 -12.90 10.75
C VAL A 241 -4.64 -12.37 11.31
N ALA A 242 -5.62 -13.25 11.52
CA ALA A 242 -6.90 -12.92 12.19
C ALA A 242 -6.66 -12.80 13.69
N LEU A 243 -7.14 -11.72 14.31
CA LEU A 243 -6.80 -11.40 15.72
C LEU A 243 -8.04 -11.25 16.59
N SER A 244 -9.18 -10.83 16.02
CA SER A 244 -10.35 -10.41 16.83
C SER A 244 -10.97 -11.64 17.51
N ASN A 245 -10.94 -11.68 18.83
CA ASN A 245 -11.58 -12.76 19.63
C ASN A 245 -10.96 -14.13 19.28
N ARG A 246 -9.68 -14.17 18.94
CA ARG A 246 -9.02 -15.44 18.51
C ARG A 246 -7.82 -15.73 19.41
N GLN A 247 -7.54 -17.00 19.65
CA GLN A 247 -6.28 -17.45 20.28
C GLN A 247 -5.23 -17.62 19.17
C ACE B . -6.10 -27.34 41.55
O ACE B . -7.22 -27.02 41.74
CH3 ACE B . -5.44 -28.40 42.41
CL CL C . -9.69 6.30 20.53
#